data_2KH8
#
_entry.id   2KH8
#
_cell.length_a   1.000
_cell.length_b   1.000
_cell.length_c   1.000
_cell.angle_alpha   90.00
_cell.angle_beta   90.00
_cell.angle_gamma   90.00
#
_symmetry.space_group_name_H-M   'P 1'
#
loop_
_entity.id
_entity.type
_entity.pdbx_description
1 polymer "5'-D(*GP*TP*GP*CP*GP*(CTG)P*GP*TP*TP*TP*GP*T)-3'"
2 polymer "5'-D(*AP*CP*AP*AP*AP*CP*GP*CP*GP*CP*AP*C)-3'"
#
loop_
_entity_poly.entity_id
_entity_poly.type
_entity_poly.pdbx_seq_one_letter_code
_entity_poly.pdbx_strand_id
1 'polydeoxyribonucleotide' (DG)(DT)(DG)(DC)(DG)(CTG)(DG)(DT)(DT)(DT)(DG)(DT) A
2 'polydeoxyribonucleotide' (DA)(DC)(DA)(DA)(DA)(DC)(DG)(DC)(DG)(DC)(DA)(DC) B
#